data_6ONE
#
_entry.id   6ONE
#
_cell.length_a   66.290
_cell.length_b   66.950
_cell.length_c   86.880
_cell.angle_alpha   90.00
_cell.angle_beta   90.00
_cell.angle_gamma   90.00
#
_symmetry.space_group_name_H-M   'P 21 21 21'
#
loop_
_entity.id
_entity.type
_entity.pdbx_description
1 polymer 'clade A/E 93TH057 HIV-1 gp120 core'
2 non-polymer 2-acetamido-2-deoxy-beta-D-glucopyranose
3 non-polymer 'methyl (3S)-3-[(4-chloro-3-fluorophenyl)carbamoyl]piperidine-1-carboxylate'
4 non-polymer '4-(2-HYDROXYETHYL)-1-PIPERAZINE ETHANESULFONIC ACID'
5 water water
#
_entity_poly.entity_id   1
_entity_poly.type   'polypeptide(L)'
_entity_poly.pdbx_seq_one_letter_code
;VPVWKDADTTLFCASDAKAYETEVHNVWATHACVPTDPNPQEIHLENVTENFNMWKNNMVEQMHEDIISLWDQSLQPCVK
LTGGSVIKQACPKISFDPIPIHYCTPAGYVILKCNDKNFNGTGPCKNVSSVQCTHGIKPVVSTQLLLNGSLAEEEIIIRS
ENLTNNAKTIIVHLNKSVEINCTRPSNGGSGSGGDIRKAYCEINGTKWNKVLKQVTEKLKEHFNNKTIIFQPPSGGDLEI
TMHTFNCRGEFFYCNTTQLFNNTCIGNETMKGCNGTITLPCKIKQIINMWQGTGQAMYAPPIDGKINCVSNITGILLTRD
GGANNTSNETFRPGGGDMRDNWRSELYKYKVVQIE
;
_entity_poly.pdbx_strand_id   A
#
# COMPACT_ATOMS: atom_id res chain seq x y z
N PRO A 2 23.99 21.81 -10.69
CA PRO A 2 24.93 20.74 -10.37
C PRO A 2 25.09 19.69 -11.49
N VAL A 3 24.12 19.65 -12.40
CA VAL A 3 24.05 18.73 -13.56
C VAL A 3 23.75 17.29 -13.18
N TRP A 4 22.57 16.85 -13.58
CA TRP A 4 22.16 15.46 -13.48
C TRP A 4 21.30 15.14 -14.69
N LYS A 5 21.08 13.84 -14.91
CA LYS A 5 20.21 13.37 -15.96
C LYS A 5 19.44 12.17 -15.43
N ASP A 6 18.25 11.95 -15.98
CA ASP A 6 17.44 10.82 -15.58
C ASP A 6 18.18 9.51 -15.85
N ALA A 7 18.19 8.63 -14.86
CA ALA A 7 18.91 7.37 -15.01
C ALA A 7 18.33 6.31 -14.10
N ASP A 8 18.55 5.06 -14.48
CA ASP A 8 18.27 3.89 -13.66
C ASP A 8 19.57 3.28 -13.16
N THR A 9 19.52 2.68 -11.99
CA THR A 9 20.66 1.96 -11.43
C THR A 9 20.18 1.16 -10.23
N THR A 10 20.98 0.15 -9.86
CA THR A 10 20.63 -0.71 -8.74
C THR A 10 20.83 0.03 -7.42
N LEU A 11 19.77 0.08 -6.62
CA LEU A 11 19.81 0.69 -5.30
C LEU A 11 20.25 -0.34 -4.27
N PHE A 12 20.61 0.14 -3.09
CA PHE A 12 20.71 -0.71 -1.92
C PHE A 12 19.70 -0.22 -0.89
N CYS A 13 19.54 -0.99 0.19
CA CYS A 13 18.58 -0.67 1.22
C CYS A 13 19.26 -0.48 2.56
N ALA A 14 18.59 0.28 3.43
CA ALA A 14 19.07 0.55 4.77
C ALA A 14 17.91 0.36 5.74
N SER A 15 18.24 0.04 6.99
CA SER A 15 17.22 -0.30 7.97
C SER A 15 17.77 -0.01 9.37
N ASP A 16 16.85 -0.04 10.34
CA ASP A 16 17.20 -0.12 11.75
C ASP A 16 16.91 -1.50 12.32
N ALA A 17 17.03 -2.53 11.50
CA ALA A 17 16.74 -3.89 11.95
C ALA A 17 17.60 -4.26 13.15
N LYS A 18 17.02 -5.02 14.07
CA LYS A 18 17.74 -5.51 15.24
C LYS A 18 18.33 -6.88 14.91
N ALA A 19 19.64 -7.01 15.12
CA ALA A 19 20.31 -8.27 14.84
C ALA A 19 19.84 -9.39 15.77
N TYR A 20 19.28 -9.05 16.93
CA TYR A 20 18.84 -10.03 17.91
C TYR A 20 17.37 -10.42 17.74
N GLU A 21 16.70 -9.93 16.70
CA GLU A 21 15.28 -10.17 16.51
C GLU A 21 15.06 -11.38 15.61
N THR A 22 14.04 -12.18 15.95
CA THR A 22 13.60 -13.25 15.07
C THR A 22 12.48 -12.81 14.13
N GLU A 23 11.94 -11.61 14.32
CA GLU A 23 10.96 -11.06 13.39
C GLU A 23 11.55 -11.05 11.98
N VAL A 24 10.72 -11.42 11.00
CA VAL A 24 11.26 -11.80 9.69
C VAL A 24 11.77 -10.60 8.92
N HIS A 25 11.09 -9.45 9.01
CA HIS A 25 11.58 -8.26 8.33
C HIS A 25 12.94 -7.85 8.89
N ASN A 26 13.11 -7.97 10.21
CA ASN A 26 14.39 -7.65 10.84
C ASN A 26 15.48 -8.61 10.36
N VAL A 27 15.17 -9.91 10.34
CA VAL A 27 16.15 -10.90 9.90
C VAL A 27 16.59 -10.62 8.46
N TRP A 28 15.61 -10.41 7.58
CA TRP A 28 15.93 -10.15 6.19
C TRP A 28 16.75 -8.88 6.02
N ALA A 29 16.34 -7.80 6.70
CA ALA A 29 17.04 -6.53 6.56
C ALA A 29 18.41 -6.57 7.24
N THR A 30 18.59 -7.44 8.23
CA THR A 30 19.88 -7.53 8.91
C THR A 30 20.96 -8.03 7.95
N HIS A 31 20.60 -8.93 7.04
CA HIS A 31 21.56 -9.51 6.12
C HIS A 31 21.46 -8.99 4.69
N ALA A 32 20.42 -8.23 4.35
CA ALA A 32 20.26 -7.74 2.99
C ALA A 32 20.30 -6.22 2.86
N CYS A 33 20.31 -5.49 3.97
CA CYS A 33 20.42 -4.04 3.98
C CYS A 33 21.58 -3.63 4.90
N VAL A 34 22.05 -2.40 4.72
CA VAL A 34 23.08 -1.85 5.60
C VAL A 34 22.37 -1.07 6.70
N PRO A 35 23.05 -0.66 7.78
CA PRO A 35 22.38 0.18 8.78
C PRO A 35 21.96 1.51 8.19
N THR A 36 20.94 2.10 8.80
CA THR A 36 20.44 3.39 8.34
C THR A 36 21.51 4.46 8.50
N ASP A 37 21.58 5.37 7.53
CA ASP A 37 22.42 6.56 7.54
C ASP A 37 22.40 7.24 8.91
N PRO A 38 23.51 7.24 9.65
CA PRO A 38 23.50 7.84 10.98
C PRO A 38 23.38 9.36 10.97
N ASN A 39 23.68 10.02 9.86
CA ASN A 39 23.52 11.47 9.74
C ASN A 39 23.00 11.80 8.35
N PRO A 40 21.69 11.71 8.14
CA PRO A 40 21.12 11.96 6.82
C PRO A 40 21.10 13.45 6.49
N GLN A 41 21.44 13.78 5.25
CA GLN A 41 21.51 15.16 4.79
C GLN A 41 20.63 15.33 3.57
N GLU A 42 19.67 16.26 3.66
CA GLU A 42 18.78 16.60 2.57
C GLU A 42 19.12 18.01 2.08
N ILE A 43 19.37 18.14 0.79
CA ILE A 43 19.87 19.38 0.21
C ILE A 43 18.81 19.95 -0.72
N HIS A 44 18.23 21.08 -0.35
CA HIS A 44 17.29 21.78 -1.21
C HIS A 44 18.00 22.34 -2.44
N LEU A 45 17.35 22.25 -3.59
CA LEU A 45 17.93 22.65 -4.86
C LEU A 45 17.30 23.98 -5.30
N GLU A 46 18.09 25.05 -5.25
CA GLU A 46 17.59 26.40 -5.42
C GLU A 46 17.09 26.64 -6.85
N ASN A 47 15.86 27.18 -6.94
CA ASN A 47 15.26 27.57 -8.22
C ASN A 47 15.34 26.44 -9.25
N VAL A 48 15.03 25.23 -8.81
CA VAL A 48 15.14 24.04 -9.64
C VAL A 48 13.75 23.45 -9.82
N THR A 49 13.33 23.29 -11.07
CA THR A 49 12.10 22.61 -11.43
C THR A 49 12.45 21.31 -12.12
N GLU A 50 11.87 20.21 -11.64
CA GLU A 50 12.19 18.87 -12.11
C GLU A 50 10.91 18.11 -12.38
N ASN A 51 10.83 17.47 -13.54
CA ASN A 51 9.68 16.64 -13.86
C ASN A 51 9.77 15.29 -13.16
N PHE A 52 8.64 14.81 -12.67
CA PHE A 52 8.55 13.50 -12.05
C PHE A 52 7.46 12.70 -12.74
N ASN A 53 7.52 11.38 -12.60
CA ASN A 53 6.46 10.50 -13.12
C ASN A 53 6.47 9.25 -12.25
N MET A 54 5.57 9.21 -11.27
CA MET A 54 5.47 8.09 -10.35
C MET A 54 5.06 6.79 -11.04
N TRP A 55 4.50 6.90 -12.23
CA TRP A 55 4.01 5.70 -12.96
C TRP A 55 5.13 5.08 -13.80
N LYS A 56 6.24 5.80 -13.96
CA LYS A 56 7.41 5.35 -14.75
C LYS A 56 8.64 5.50 -13.83
N ASN A 57 8.68 4.71 -12.76
CA ASN A 57 9.69 4.85 -11.71
C ASN A 57 10.30 3.48 -11.39
N ASN A 58 11.54 3.27 -11.83
CA ASN A 58 12.22 1.99 -11.64
C ASN A 58 12.44 1.67 -10.17
N MET A 59 12.47 2.68 -9.29
CA MET A 59 12.53 2.40 -7.86
C MET A 59 11.39 1.49 -7.43
N VAL A 60 10.22 1.63 -8.07
CA VAL A 60 9.07 0.80 -7.72
C VAL A 60 9.35 -0.66 -8.03
N GLU A 61 9.81 -0.95 -9.25
CA GLU A 61 10.11 -2.33 -9.62
C GLU A 61 11.18 -2.92 -8.72
N GLN A 62 12.16 -2.11 -8.30
CA GLN A 62 13.24 -2.60 -7.47
C GLN A 62 12.74 -2.96 -6.07
N MET A 63 11.96 -2.06 -5.45
CA MET A 63 11.38 -2.38 -4.14
C MET A 63 10.50 -3.62 -4.24
N HIS A 64 9.71 -3.71 -5.32
CA HIS A 64 8.86 -4.88 -5.55
C HIS A 64 9.67 -6.17 -5.49
N GLU A 65 10.79 -6.21 -6.21
CA GLU A 65 11.63 -7.40 -6.21
C GLU A 65 12.17 -7.69 -4.82
N ASP A 66 12.48 -6.63 -4.05
CA ASP A 66 12.94 -6.82 -2.67
C ASP A 66 11.88 -7.51 -1.84
N ILE A 67 10.65 -7.02 -1.89
CA ILE A 67 9.61 -7.55 -1.01
C ILE A 67 9.23 -8.96 -1.41
N ILE A 68 9.26 -9.28 -2.70
CA ILE A 68 9.11 -10.66 -3.14
C ILE A 68 10.17 -11.52 -2.48
N SER A 69 11.43 -11.08 -2.53
CA SER A 69 12.52 -11.81 -1.91
C SER A 69 12.29 -11.99 -0.42
N LEU A 70 11.90 -10.92 0.28
CA LEU A 70 11.63 -11.01 1.70
C LEU A 70 10.57 -12.07 2.01
N TRP A 71 9.45 -12.01 1.31
CA TRP A 71 8.35 -12.93 1.60
C TRP A 71 8.73 -14.37 1.28
N ASP A 72 9.49 -14.58 0.20
CA ASP A 72 9.86 -15.94 -0.18
C ASP A 72 10.82 -16.57 0.83
N GLN A 73 11.73 -15.78 1.39
CA GLN A 73 12.62 -16.29 2.42
C GLN A 73 11.95 -16.41 3.78
N SER A 74 10.87 -15.66 4.02
CA SER A 74 10.33 -15.50 5.36
C SER A 74 9.07 -16.31 5.63
N LEU A 75 8.15 -16.39 4.67
CA LEU A 75 6.91 -17.11 4.89
C LEU A 75 7.09 -18.57 4.51
N GLN A 76 6.71 -19.46 5.44
CA GLN A 76 6.89 -20.90 5.30
C GLN A 76 5.54 -21.56 5.14
N PRO A 77 5.04 -21.73 3.91
CA PRO A 77 3.78 -22.46 3.73
C PRO A 77 3.97 -23.94 3.94
N CYS A 78 2.90 -24.57 4.44
CA CYS A 78 2.90 -26.02 4.61
C CYS A 78 3.05 -26.72 3.27
N VAL A 79 2.38 -26.20 2.24
CA VAL A 79 2.54 -26.64 0.86
C VAL A 79 2.42 -25.40 -0.02
N LYS A 80 3.17 -25.39 -1.12
CA LYS A 80 3.08 -24.30 -2.11
C LYS A 80 3.00 -24.91 -3.50
N LEU A 81 1.99 -24.50 -4.26
CA LEU A 81 1.71 -25.03 -5.60
C LEU A 81 2.03 -23.95 -6.62
N THR A 82 2.98 -24.24 -7.51
CA THR A 82 3.50 -23.28 -8.46
C THR A 82 3.85 -24.03 -9.74
N GLY A 83 3.74 -23.33 -10.87
CA GLY A 83 4.16 -23.83 -12.18
C GLY A 83 3.99 -25.32 -12.43
N GLY A 84 2.80 -25.85 -12.25
CA GLY A 84 2.59 -27.27 -12.47
C GLY A 84 3.44 -28.17 -11.58
N SER A 85 3.56 -27.82 -10.30
CA SER A 85 4.37 -28.54 -9.33
C SER A 85 3.91 -28.13 -7.94
N VAL A 86 4.34 -28.88 -6.94
CA VAL A 86 4.09 -28.58 -5.54
C VAL A 86 5.31 -29.01 -4.74
N ILE A 87 5.52 -28.35 -3.61
CA ILE A 87 6.53 -28.75 -2.63
C ILE A 87 5.94 -28.62 -1.23
N LYS A 88 6.09 -29.67 -0.44
CA LYS A 88 5.59 -29.75 0.93
C LYS A 88 6.75 -29.63 1.90
N GLN A 89 6.54 -28.93 3.01
CA GLN A 89 7.63 -28.57 3.90
C GLN A 89 7.16 -28.64 5.35
N ALA A 90 7.83 -27.87 6.20
CA ALA A 90 7.39 -27.55 7.54
C ALA A 90 7.02 -26.07 7.58
N CYS A 91 6.00 -25.74 8.36
CA CYS A 91 5.37 -24.42 8.31
C CYS A 91 5.15 -23.86 9.72
N PRO A 92 6.24 -23.53 10.43
CA PRO A 92 6.07 -22.98 11.78
C PRO A 92 5.53 -21.56 11.73
N LYS A 93 4.85 -21.18 12.82
CA LYS A 93 4.40 -19.81 12.95
C LYS A 93 5.60 -18.90 13.12
N ILE A 94 5.54 -17.71 12.51
CA ILE A 94 6.66 -16.80 12.48
C ILE A 94 6.27 -15.49 13.17
N SER A 95 7.30 -14.73 13.55
CA SER A 95 7.11 -13.37 14.02
C SER A 95 7.14 -12.43 12.83
N PHE A 96 6.08 -11.65 12.65
CA PHE A 96 5.85 -10.89 11.42
C PHE A 96 5.30 -9.53 11.79
N ASP A 97 6.05 -8.47 11.49
CA ASP A 97 5.65 -7.09 11.72
C ASP A 97 6.54 -6.18 10.89
N PRO A 98 6.00 -5.48 9.89
CA PRO A 98 6.85 -4.74 8.96
C PRO A 98 7.64 -3.63 9.64
N ILE A 99 8.84 -3.41 9.12
CA ILE A 99 9.71 -2.32 9.57
C ILE A 99 9.98 -1.42 8.37
N PRO A 100 10.33 -0.16 8.60
CA PRO A 100 10.62 0.73 7.47
C PRO A 100 11.91 0.33 6.76
N ILE A 101 11.91 0.48 5.43
CA ILE A 101 13.06 0.21 4.59
C ILE A 101 13.39 1.48 3.83
N HIS A 102 14.66 1.88 3.86
CA HIS A 102 15.16 3.03 3.10
C HIS A 102 15.81 2.55 1.82
N TYR A 103 15.61 3.28 0.73
CA TYR A 103 16.24 2.99 -0.54
C TYR A 103 17.25 4.09 -0.87
N CYS A 104 18.47 3.67 -1.22
CA CYS A 104 19.61 4.55 -1.30
C CYS A 104 20.35 4.34 -2.61
N THR A 105 20.92 5.40 -3.13
CA THR A 105 21.64 5.38 -4.40
C THR A 105 23.11 5.05 -4.19
N PRO A 106 23.73 4.37 -5.16
CA PRO A 106 25.18 4.15 -5.10
C PRO A 106 25.96 5.37 -5.58
N ALA A 107 27.28 5.22 -5.72
CA ALA A 107 28.13 6.34 -6.08
C ALA A 107 27.80 6.85 -7.48
N GLY A 108 27.83 8.17 -7.65
CA GLY A 108 27.54 8.78 -8.93
C GLY A 108 26.08 8.99 -9.21
N TYR A 109 25.19 8.70 -8.26
CA TYR A 109 23.76 8.89 -8.42
C TYR A 109 23.22 9.53 -7.15
N VAL A 110 22.04 10.15 -7.27
CA VAL A 110 21.39 10.79 -6.15
C VAL A 110 19.88 10.67 -6.35
N ILE A 111 19.15 10.80 -5.25
CA ILE A 111 17.68 10.74 -5.27
C ILE A 111 17.15 12.16 -5.19
N LEU A 112 16.30 12.52 -6.15
CA LEU A 112 15.59 13.78 -6.09
C LEU A 112 14.23 13.57 -5.44
N LYS A 113 13.83 14.52 -4.62
CA LYS A 113 12.63 14.40 -3.79
C LYS A 113 11.74 15.61 -4.04
N CYS A 114 10.51 15.36 -4.48
CA CYS A 114 9.55 16.43 -4.68
C CYS A 114 8.87 16.77 -3.36
N ASN A 115 8.97 18.02 -2.94
CA ASN A 115 8.30 18.46 -1.72
C ASN A 115 7.14 19.41 -2.01
N ASP A 116 6.64 19.42 -3.24
CA ASP A 116 5.39 20.12 -3.55
C ASP A 116 4.22 19.41 -2.87
N LYS A 117 3.56 20.10 -1.94
CA LYS A 117 2.64 19.43 -1.03
C LYS A 117 1.46 18.77 -1.75
N ASN A 118 1.01 19.36 -2.86
CA ASN A 118 -0.14 18.84 -3.59
C ASN A 118 0.26 18.16 -4.90
N PHE A 119 1.53 17.77 -5.02
CA PHE A 119 2.01 17.06 -6.20
C PHE A 119 1.22 15.77 -6.40
N ASN A 120 0.75 15.55 -7.63
CA ASN A 120 -0.10 14.40 -7.90
C ASN A 120 0.66 13.17 -8.40
N GLY A 121 1.96 13.29 -8.64
CA GLY A 121 2.80 12.18 -9.05
C GLY A 121 3.40 12.31 -10.43
N THR A 122 2.81 13.13 -11.31
CA THR A 122 3.33 13.35 -12.64
C THR A 122 3.42 14.85 -12.93
N GLY A 123 4.48 15.26 -13.59
CA GLY A 123 4.64 16.64 -13.98
C GLY A 123 5.75 17.35 -13.22
N PRO A 124 5.81 18.66 -13.38
CA PRO A 124 6.91 19.42 -12.78
C PRO A 124 6.72 19.65 -11.29
N CYS A 125 7.85 19.66 -10.59
CA CYS A 125 7.94 19.97 -9.17
C CYS A 125 8.87 21.15 -9.00
N LYS A 126 8.41 22.17 -8.27
CA LYS A 126 9.19 23.41 -8.15
C LYS A 126 10.02 23.51 -6.87
N ASN A 127 9.73 22.69 -5.87
CA ASN A 127 10.36 22.75 -4.55
C ASN A 127 10.99 21.37 -4.32
N VAL A 128 12.20 21.22 -4.87
CA VAL A 128 12.88 19.93 -5.03
C VAL A 128 14.14 19.89 -4.18
N SER A 129 14.36 18.77 -3.51
CA SER A 129 15.58 18.52 -2.75
C SER A 129 16.25 17.25 -3.24
N SER A 130 17.50 17.06 -2.84
CA SER A 130 18.22 15.83 -3.10
C SER A 130 18.51 15.13 -1.79
N VAL A 131 18.43 13.79 -1.80
CA VAL A 131 18.68 12.96 -0.63
C VAL A 131 19.55 11.79 -1.06
N GLN A 132 20.26 11.22 -0.09
CA GLN A 132 21.02 10.01 -0.35
C GLN A 132 20.15 8.77 -0.21
N CYS A 133 19.07 8.87 0.57
CA CYS A 133 18.14 7.76 0.79
C CYS A 133 16.73 8.31 0.88
N THR A 134 15.76 7.50 0.49
CA THR A 134 14.39 7.81 0.83
C THR A 134 14.19 7.72 2.34
N HIS A 135 13.06 8.24 2.80
CA HIS A 135 12.66 7.94 4.17
C HIS A 135 12.33 6.46 4.29
N GLY A 136 12.14 6.00 5.53
CA GLY A 136 11.87 4.60 5.77
C GLY A 136 10.44 4.21 5.43
N ILE A 137 10.26 3.32 4.46
CA ILE A 137 8.95 2.93 3.98
C ILE A 137 8.62 1.54 4.48
N LYS A 138 7.47 1.40 5.14
CA LYS A 138 6.99 0.09 5.56
C LYS A 138 6.41 -0.65 4.36
N PRO A 139 6.90 -1.85 4.04
CA PRO A 139 6.37 -2.61 2.89
C PRO A 139 5.11 -3.38 3.24
N VAL A 140 4.00 -2.64 3.43
CA VAL A 140 2.76 -3.25 3.87
C VAL A 140 2.01 -3.80 2.66
N VAL A 141 1.83 -5.11 2.63
CA VAL A 141 1.07 -5.77 1.57
C VAL A 141 -0.40 -5.73 1.93
N SER A 142 -1.24 -5.24 1.02
CA SER A 142 -2.66 -5.16 1.27
C SER A 142 -3.40 -4.89 -0.05
N THR A 143 -4.70 -5.19 -0.03
CA THR A 143 -5.61 -4.80 -1.09
C THR A 143 -6.65 -3.83 -0.54
N GLN A 144 -7.28 -3.09 -1.46
CA GLN A 144 -8.38 -2.17 -1.15
C GLN A 144 -7.93 -0.97 -0.32
N LEU A 145 -7.36 -1.22 0.85
CA LEU A 145 -6.92 -0.16 1.74
C LEU A 145 -5.40 -0.19 1.87
N LEU A 146 -4.78 0.98 1.71
CA LEU A 146 -3.35 1.14 1.96
C LEU A 146 -3.15 1.42 3.45
N LEU A 147 -2.28 0.66 4.09
CA LEU A 147 -2.16 0.64 5.54
C LEU A 147 -0.79 1.13 5.99
N ASN A 148 -0.78 1.90 7.08
CA ASN A 148 0.43 2.25 7.80
C ASN A 148 1.41 3.04 6.93
N GLY A 149 0.90 3.80 5.96
CA GLY A 149 1.73 4.62 5.10
C GLY A 149 1.84 6.05 5.60
N SER A 150 2.37 6.90 4.74
CA SER A 150 2.41 8.33 5.01
C SER A 150 1.12 8.98 4.49
N LEU A 151 0.91 10.23 4.88
CA LEU A 151 -0.28 10.96 4.51
C LEU A 151 0.08 12.15 3.62
N ALA A 152 -0.85 12.51 2.74
CA ALA A 152 -0.72 13.76 2.02
C ALA A 152 -0.74 14.92 3.01
N GLU A 153 0.13 15.90 2.78
CA GLU A 153 0.34 16.96 3.77
C GLU A 153 -0.75 18.01 3.74
N GLU A 154 -1.32 18.30 2.57
CA GLU A 154 -2.33 19.34 2.45
C GLU A 154 -3.66 18.68 2.14
N GLU A 155 -4.09 18.60 0.89
CA GLU A 155 -5.39 18.06 0.53
C GLU A 155 -5.30 16.59 0.15
N ILE A 156 -6.47 15.95 0.08
CA ILE A 156 -6.54 14.60 -0.45
C ILE A 156 -6.13 14.62 -1.92
N ILE A 157 -5.30 13.65 -2.32
CA ILE A 157 -4.71 13.62 -3.65
C ILE A 157 -5.23 12.41 -4.41
N ILE A 158 -5.61 12.64 -5.66
CA ILE A 158 -5.97 11.57 -6.59
C ILE A 158 -4.79 11.35 -7.51
N ARG A 159 -4.24 10.14 -7.51
CA ARG A 159 -3.10 9.77 -8.34
C ARG A 159 -3.53 8.70 -9.33
N SER A 160 -3.31 8.97 -10.62
CA SER A 160 -3.59 8.00 -11.66
C SER A 160 -2.71 8.29 -12.86
N GLU A 161 -2.23 7.22 -13.52
CA GLU A 161 -1.48 7.40 -14.76
C GLU A 161 -2.34 8.03 -15.84
N ASN A 162 -3.65 7.76 -15.83
CA ASN A 162 -4.58 8.31 -16.81
C ASN A 162 -6.00 8.15 -16.29
N LEU A 163 -6.58 9.25 -15.78
CA LEU A 163 -7.91 9.17 -15.18
C LEU A 163 -8.98 8.83 -16.22
N THR A 164 -8.79 9.25 -17.47
CA THR A 164 -9.76 8.94 -18.51
C THR A 164 -9.73 7.49 -18.95
N ASN A 165 -8.64 6.77 -18.64
CA ASN A 165 -8.57 5.33 -18.89
C ASN A 165 -9.05 4.61 -17.64
N ASN A 166 -10.22 3.96 -17.74
CA ASN A 166 -10.82 3.36 -16.55
C ASN A 166 -10.10 2.09 -16.11
N ALA A 167 -9.26 1.52 -16.95
CA ALA A 167 -8.47 0.35 -16.55
C ALA A 167 -7.25 0.72 -15.71
N LYS A 168 -6.97 2.01 -15.53
CA LYS A 168 -5.82 2.46 -14.76
C LYS A 168 -6.24 2.66 -13.31
N THR A 169 -5.54 1.97 -12.40
CA THR A 169 -5.84 2.06 -10.97
C THR A 169 -5.71 3.49 -10.48
N ILE A 170 -6.59 3.88 -9.56
CA ILE A 170 -6.54 5.18 -8.90
C ILE A 170 -6.02 4.97 -7.49
N ILE A 171 -5.06 5.79 -7.09
CA ILE A 171 -4.56 5.82 -5.72
C ILE A 171 -5.08 7.09 -5.06
N VAL A 172 -5.88 6.93 -4.02
CA VAL A 172 -6.34 8.05 -3.21
C VAL A 172 -5.39 8.20 -2.03
N HIS A 173 -4.74 9.36 -1.92
CA HIS A 173 -3.84 9.64 -0.82
C HIS A 173 -4.58 10.51 0.20
N LEU A 174 -4.86 9.94 1.37
CA LEU A 174 -5.59 10.65 2.40
C LEU A 174 -4.69 11.64 3.12
N ASN A 175 -5.31 12.68 3.69
CA ASN A 175 -4.61 13.64 4.53
C ASN A 175 -4.92 13.46 6.01
N LYS A 176 -5.72 12.45 6.36
CA LYS A 176 -6.07 12.17 7.74
C LYS A 176 -6.22 10.67 7.89
N SER A 177 -5.38 10.06 8.71
CA SER A 177 -5.45 8.61 8.89
C SER A 177 -6.73 8.20 9.60
N VAL A 178 -7.18 6.99 9.31
CA VAL A 178 -8.36 6.41 9.94
C VAL A 178 -7.98 5.03 10.48
N GLU A 179 -8.16 4.84 11.79
CA GLU A 179 -7.78 3.59 12.41
C GLU A 179 -8.69 2.45 11.95
N ILE A 180 -8.09 1.29 11.72
CA ILE A 180 -8.83 0.05 11.55
C ILE A 180 -8.25 -0.96 12.53
N ASN A 181 -9.07 -1.42 13.47
CA ASN A 181 -8.65 -2.26 14.59
C ASN A 181 -9.25 -3.65 14.40
N CYS A 182 -8.39 -4.62 14.10
CA CYS A 182 -8.78 -5.94 13.65
C CYS A 182 -8.36 -7.03 14.66
N THR A 183 -9.32 -7.89 15.00
CA THR A 183 -9.14 -8.82 16.11
C THR A 183 -9.72 -10.19 15.79
N ARG A 184 -8.93 -11.22 16.05
CA ARG A 184 -9.45 -12.57 16.24
C ARG A 184 -9.42 -12.84 17.74
N PRO A 185 -10.56 -12.84 18.42
CA PRO A 185 -10.55 -13.01 19.89
C PRO A 185 -10.13 -14.41 20.28
N SER A 186 -9.82 -14.55 21.58
CA SER A 186 -9.37 -15.83 22.12
C SER A 186 -10.55 -16.74 22.44
N ASP A 195 -15.07 -21.05 16.36
CA ASP A 195 -14.48 -20.87 15.04
C ASP A 195 -13.22 -20.01 15.14
N ILE A 196 -12.07 -20.68 15.08
CA ILE A 196 -10.79 -19.98 15.27
C ILE A 196 -10.49 -19.02 14.12
N ARG A 197 -11.11 -19.20 12.96
CA ARG A 197 -10.82 -18.37 11.80
C ARG A 197 -11.71 -17.14 11.69
N LYS A 198 -12.63 -16.95 12.62
CA LYS A 198 -13.56 -15.82 12.56
C LYS A 198 -12.95 -14.61 13.26
N ALA A 199 -12.97 -13.47 12.57
CA ALA A 199 -12.39 -12.24 13.11
C ALA A 199 -13.25 -11.06 12.65
N TYR A 200 -12.83 -9.86 13.03
CA TYR A 200 -13.58 -8.66 12.69
C TYR A 200 -12.69 -7.43 12.85
N CYS A 201 -13.07 -6.36 12.14
CA CYS A 201 -12.38 -5.07 12.15
C CYS A 201 -13.33 -3.96 12.56
N GLU A 202 -12.90 -3.12 13.48
CA GLU A 202 -13.71 -2.02 13.97
C GLU A 202 -13.13 -0.71 13.44
N ILE A 203 -13.98 0.10 12.81
CA ILE A 203 -13.61 1.40 12.26
C ILE A 203 -14.57 2.44 12.82
N ASN A 204 -14.04 3.63 13.12
CA ASN A 204 -14.90 4.74 13.52
C ASN A 204 -15.74 5.17 12.34
N GLY A 205 -17.05 4.87 12.40
CA GLY A 205 -17.93 5.26 11.32
C GLY A 205 -17.94 6.76 11.09
N THR A 206 -17.98 7.55 12.16
CA THR A 206 -17.93 9.00 12.05
C THR A 206 -16.71 9.45 11.27
N LYS A 207 -15.52 9.05 11.74
CA LYS A 207 -14.28 9.43 11.08
C LYS A 207 -14.24 8.94 9.64
N TRP A 208 -14.64 7.70 9.40
CA TRP A 208 -14.53 7.12 8.06
C TRP A 208 -15.44 7.82 7.07
N ASN A 209 -16.72 7.96 7.41
CA ASN A 209 -17.69 8.53 6.47
C ASN A 209 -17.37 9.98 6.15
N LYS A 210 -16.86 10.73 7.12
CA LYS A 210 -16.42 12.10 6.83
C LYS A 210 -15.28 12.11 5.82
N VAL A 211 -14.26 11.27 6.06
CA VAL A 211 -13.16 11.15 5.12
C VAL A 211 -13.67 10.74 3.74
N LEU A 212 -14.61 9.79 3.71
CA LEU A 212 -15.12 9.29 2.44
C LEU A 212 -15.90 10.35 1.69
N LYS A 213 -16.70 11.15 2.41
CA LYS A 213 -17.41 12.26 1.78
C LYS A 213 -16.43 13.23 1.13
N GLN A 214 -15.32 13.52 1.81
CA GLN A 214 -14.29 14.37 1.24
C GLN A 214 -13.67 13.74 0.00
N VAL A 215 -13.46 12.43 0.02
CA VAL A 215 -12.90 11.74 -1.13
C VAL A 215 -13.84 11.84 -2.32
N THR A 216 -15.14 11.69 -2.07
CA THR A 216 -16.13 11.86 -3.15
C THR A 216 -16.07 13.27 -3.72
N GLU A 217 -15.97 14.28 -2.86
CA GLU A 217 -15.89 15.66 -3.33
C GLU A 217 -14.66 15.86 -4.20
N LYS A 218 -13.51 15.33 -3.77
CA LYS A 218 -12.29 15.47 -4.55
C LYS A 218 -12.39 14.71 -5.88
N LEU A 219 -13.05 13.56 -5.88
CA LEU A 219 -13.29 12.85 -7.13
C LEU A 219 -14.22 13.62 -8.05
N LYS A 220 -15.18 14.36 -7.47
CA LYS A 220 -16.08 15.17 -8.28
C LYS A 220 -15.31 16.27 -9.02
N GLU A 221 -14.28 16.81 -8.39
CA GLU A 221 -13.48 17.86 -9.02
C GLU A 221 -12.85 17.38 -10.32
N HIS A 222 -12.44 16.11 -10.35
CA HIS A 222 -11.75 15.55 -11.51
C HIS A 222 -12.69 15.00 -12.57
N PHE A 223 -13.95 14.73 -12.24
CA PHE A 223 -14.86 14.07 -13.16
C PHE A 223 -16.04 14.96 -13.50
N ASN A 224 -15.76 16.26 -13.72
CA ASN A 224 -16.71 17.25 -14.22
C ASN A 224 -18.01 17.24 -13.43
N ASN A 225 -17.89 17.27 -12.11
CA ASN A 225 -18.98 17.48 -11.16
C ASN A 225 -20.00 16.35 -11.13
N LYS A 226 -19.72 15.23 -11.80
CA LYS A 226 -20.69 14.14 -11.89
C LYS A 226 -20.94 13.51 -10.53
N THR A 227 -22.00 12.69 -10.45
CA THR A 227 -22.33 11.99 -9.22
C THR A 227 -21.35 10.83 -9.00
N ILE A 228 -20.80 10.75 -7.79
CA ILE A 228 -19.81 9.75 -7.43
C ILE A 228 -20.48 8.69 -6.59
N ILE A 229 -20.49 7.45 -7.07
CA ILE A 229 -21.09 6.33 -6.35
C ILE A 229 -20.02 5.27 -6.12
N PHE A 230 -20.04 4.69 -4.92
CA PHE A 230 -19.16 3.61 -4.55
C PHE A 230 -19.91 2.29 -4.60
N GLN A 231 -19.23 1.24 -5.00
CA GLN A 231 -19.84 -0.07 -5.15
C GLN A 231 -18.83 -1.12 -4.69
N PRO A 232 -19.30 -2.30 -4.28
CA PRO A 232 -18.38 -3.37 -3.93
C PRO A 232 -17.73 -3.95 -5.18
N PRO A 233 -16.61 -4.66 -5.04
CA PRO A 233 -15.91 -5.19 -6.22
C PRO A 233 -16.79 -6.15 -7.02
N SER A 234 -16.52 -6.20 -8.33
CA SER A 234 -17.37 -6.90 -9.28
C SER A 234 -16.86 -8.33 -9.51
N GLY A 235 -16.77 -9.08 -8.44
CA GLY A 235 -16.17 -10.39 -8.49
C GLY A 235 -14.67 -10.33 -8.74
N GLY A 236 -14.08 -11.52 -8.83
CA GLY A 236 -12.64 -11.72 -8.87
C GLY A 236 -12.26 -12.69 -7.78
N ASP A 237 -10.97 -12.76 -7.49
CA ASP A 237 -10.55 -13.60 -6.37
C ASP A 237 -10.83 -12.90 -5.05
N LEU A 238 -10.92 -13.69 -3.97
CA LEU A 238 -11.25 -13.13 -2.67
C LEU A 238 -10.23 -12.11 -2.22
N GLU A 239 -8.97 -12.25 -2.65
CA GLU A 239 -7.94 -11.32 -2.23
C GLU A 239 -8.24 -9.89 -2.69
N ILE A 240 -8.93 -9.74 -3.82
CA ILE A 240 -9.30 -8.40 -4.27
C ILE A 240 -10.75 -8.06 -3.93
N THR A 241 -11.65 -9.06 -3.89
CA THR A 241 -13.00 -8.79 -3.44
C THR A 241 -13.04 -8.35 -1.98
N MET A 242 -12.08 -8.82 -1.17
CA MET A 242 -12.00 -8.45 0.24
C MET A 242 -10.79 -7.56 0.47
N HIS A 243 -10.87 -6.74 1.51
CA HIS A 243 -9.68 -6.10 2.05
C HIS A 243 -8.82 -7.19 2.66
N THR A 244 -7.67 -7.45 2.04
CA THR A 244 -6.79 -8.55 2.45
C THR A 244 -5.47 -7.98 2.92
N PHE A 245 -4.98 -8.52 4.04
CA PHE A 245 -3.75 -8.04 4.65
C PHE A 245 -3.22 -9.14 5.55
N ASN A 246 -1.97 -9.00 5.97
CA ASN A 246 -1.34 -9.93 6.89
C ASN A 246 -1.19 -9.28 8.25
N CYS A 247 -1.64 -9.98 9.28
CA CYS A 247 -1.64 -9.49 10.66
C CYS A 247 -0.93 -10.52 11.54
N ARG A 248 0.31 -10.21 11.94
CA ARG A 248 1.09 -11.08 12.83
C ARG A 248 1.26 -12.47 12.25
N GLY A 249 1.35 -12.56 10.93
CA GLY A 249 1.53 -13.81 10.23
C GLY A 249 0.27 -14.40 9.65
N GLU A 250 -0.89 -13.98 10.14
CA GLU A 250 -2.18 -14.51 9.70
C GLU A 250 -2.73 -13.64 8.57
N PHE A 251 -3.35 -14.30 7.58
CA PHE A 251 -3.92 -13.60 6.43
C PHE A 251 -5.39 -13.32 6.71
N PHE A 252 -5.72 -12.04 6.89
CA PHE A 252 -7.09 -11.61 7.12
C PHE A 252 -7.75 -11.26 5.80
N TYR A 253 -9.00 -11.69 5.65
CA TYR A 253 -9.85 -11.32 4.52
C TYR A 253 -11.09 -10.65 5.11
N CYS A 254 -11.23 -9.35 4.89
CA CYS A 254 -12.29 -8.59 5.54
C CYS A 254 -13.24 -8.02 4.50
N ASN A 255 -14.53 -8.16 4.76
CA ASN A 255 -15.58 -7.66 3.88
C ASN A 255 -15.77 -6.17 4.13
N THR A 256 -15.63 -5.36 3.07
CA THR A 256 -15.71 -3.90 3.18
C THR A 256 -16.97 -3.33 2.58
N THR A 257 -18.03 -4.14 2.41
CA THR A 257 -19.28 -3.62 1.87
C THR A 257 -19.77 -2.43 2.69
N GLN A 258 -19.71 -2.55 4.02
CA GLN A 258 -20.15 -1.47 4.89
C GLN A 258 -19.28 -0.23 4.73
N LEU A 259 -18.01 -0.40 4.38
CA LEU A 259 -17.14 0.76 4.19
C LEU A 259 -17.56 1.59 2.99
N PHE A 260 -18.06 0.94 1.94
CA PHE A 260 -18.42 1.63 0.71
C PHE A 260 -19.93 1.56 0.49
N ASN A 261 -20.68 2.12 1.45
CA ASN A 261 -22.14 2.14 1.50
C ASN A 261 -22.73 2.94 0.37
N ASN A 262 -22.55 4.26 0.46
CA ASN A 262 -23.12 5.36 -0.32
C ASN A 262 -24.26 6.02 0.44
N THR A 263 -24.93 5.27 1.33
CA THR A 263 -26.06 5.85 2.05
C THR A 263 -25.60 6.88 3.08
N CYS A 264 -24.49 6.60 3.78
CA CYS A 264 -24.06 7.43 4.90
C CYS A 264 -23.40 8.73 4.46
N ILE A 265 -23.07 8.89 3.19
CA ILE A 265 -22.53 10.15 2.71
C ILE A 265 -23.66 11.16 2.57
N MET A 270 -26.99 10.13 10.74
CA MET A 270 -28.26 10.65 10.25
C MET A 270 -29.22 9.51 9.88
N LYS A 271 -28.65 8.37 9.49
CA LYS A 271 -29.43 7.15 9.28
C LYS A 271 -29.00 6.07 10.27
N GLY A 272 -28.53 6.48 11.43
CA GLY A 272 -28.03 5.56 12.43
C GLY A 272 -26.68 4.96 12.07
N CYS A 273 -25.77 5.76 11.52
CA CYS A 273 -24.50 5.24 11.03
C CYS A 273 -23.35 6.22 11.30
N ASN A 274 -23.22 6.64 12.55
CA ASN A 274 -21.99 7.26 13.02
C ASN A 274 -21.45 6.54 14.25
N GLY A 275 -21.83 5.28 14.44
CA GLY A 275 -21.25 4.43 15.46
C GLY A 275 -20.08 3.65 14.91
N THR A 276 -19.77 2.55 15.57
CA THR A 276 -18.67 1.68 15.14
C THR A 276 -19.12 0.82 13.97
N ILE A 277 -18.29 0.76 12.93
CA ILE A 277 -18.50 -0.16 11.81
C ILE A 277 -17.70 -1.42 12.10
N THR A 278 -18.38 -2.57 12.10
CA THR A 278 -17.72 -3.85 12.38
C THR A 278 -17.73 -4.69 11.09
N LEU A 279 -16.55 -4.82 10.48
CA LEU A 279 -16.42 -5.60 9.26
C LEU A 279 -16.20 -7.07 9.60
N PRO A 280 -16.95 -7.99 9.00
CA PRO A 280 -16.68 -9.42 9.24
C PRO A 280 -15.41 -9.85 8.50
N CYS A 281 -14.55 -10.57 9.20
CA CYS A 281 -13.33 -11.08 8.61
C CYS A 281 -13.23 -12.57 8.84
N LYS A 282 -12.38 -13.20 8.04
CA LYS A 282 -11.94 -14.56 8.28
C LYS A 282 -10.44 -14.64 8.03
N ILE A 283 -9.76 -15.41 8.88
CA ILE A 283 -8.38 -15.77 8.62
C ILE A 283 -8.38 -16.96 7.66
N LYS A 284 -7.65 -16.83 6.55
CA LYS A 284 -7.61 -17.88 5.55
C LYS A 284 -6.23 -18.54 5.56
N GLN A 285 -6.22 -19.86 5.60
CA GLN A 285 -4.97 -20.62 5.53
C GLN A 285 -4.46 -20.73 4.10
N ILE A 286 -5.38 -20.70 3.13
CA ILE A 286 -5.07 -20.97 1.74
C ILE A 286 -5.30 -19.69 0.94
N ILE A 287 -4.24 -19.19 0.29
CA ILE A 287 -4.27 -17.88 -0.34
C ILE A 287 -3.76 -17.98 -1.77
N ASN A 288 -4.16 -17.00 -2.58
CA ASN A 288 -3.59 -16.77 -3.90
C ASN A 288 -2.50 -15.71 -3.74
N MET A 289 -1.24 -16.11 -3.94
CA MET A 289 -0.11 -15.25 -3.63
C MET A 289 -0.12 -14.00 -4.51
N TRP A 290 0.21 -12.85 -3.89
CA TRP A 290 0.32 -11.60 -4.65
C TRP A 290 1.53 -11.58 -5.56
N GLN A 291 2.49 -12.48 -5.38
CA GLN A 291 3.60 -12.59 -6.31
C GLN A 291 3.20 -13.19 -7.65
N GLY A 292 1.95 -13.69 -7.76
CA GLY A 292 1.47 -14.28 -8.99
C GLY A 292 1.80 -15.75 -9.17
N THR A 293 2.58 -16.34 -8.27
CA THR A 293 3.14 -17.67 -8.47
C THR A 293 2.12 -18.79 -8.29
N GLY A 294 0.95 -18.51 -7.72
CA GLY A 294 -0.03 -19.54 -7.51
C GLY A 294 -0.61 -19.58 -6.11
N GLN A 295 -0.82 -20.79 -5.59
CA GLN A 295 -1.56 -21.00 -4.35
C GLN A 295 -0.62 -21.51 -3.25
N ALA A 296 -0.83 -21.03 -2.03
CA ALA A 296 -0.02 -21.39 -0.88
C ALA A 296 -0.93 -21.72 0.31
N MET A 297 -0.54 -22.71 1.09
CA MET A 297 -1.30 -23.12 2.27
C MET A 297 -0.43 -23.01 3.50
N TYR A 298 -0.94 -22.31 4.52
CA TYR A 298 -0.27 -22.09 5.79
C TYR A 298 -0.99 -22.85 6.89
N ALA A 299 -0.44 -22.75 8.11
CA ALA A 299 -0.91 -23.47 9.29
C ALA A 299 -2.04 -22.72 9.98
N PRO A 300 -2.82 -23.40 10.82
CA PRO A 300 -3.93 -22.74 11.52
C PRO A 300 -3.43 -21.64 12.46
N PRO A 301 -4.26 -20.66 12.76
CA PRO A 301 -3.80 -19.49 13.51
C PRO A 301 -3.36 -19.83 14.93
N ILE A 302 -2.49 -18.98 15.46
CA ILE A 302 -2.02 -19.12 16.83
C ILE A 302 -3.18 -18.96 17.80
N ASP A 303 -3.06 -19.56 18.97
CA ASP A 303 -4.08 -19.45 19.99
C ASP A 303 -4.02 -18.09 20.66
N GLY A 304 -5.15 -17.66 21.20
CA GLY A 304 -5.22 -16.38 21.86
C GLY A 304 -5.64 -15.26 20.94
N LYS A 305 -5.59 -14.04 21.49
CA LYS A 305 -6.10 -12.85 20.82
C LYS A 305 -5.08 -12.34 19.82
N ILE A 306 -5.42 -12.42 18.54
CA ILE A 306 -4.61 -11.87 17.46
C ILE A 306 -5.16 -10.49 17.12
N ASN A 307 -4.35 -9.46 17.34
CA ASN A 307 -4.78 -8.07 17.18
C ASN A 307 -3.77 -7.30 16.34
N CYS A 308 -4.30 -6.50 15.41
CA CYS A 308 -3.50 -5.54 14.64
C CYS A 308 -4.33 -4.27 14.48
N VAL A 309 -3.79 -3.15 14.94
CA VAL A 309 -4.41 -1.85 14.76
C VAL A 309 -3.55 -1.06 13.77
N SER A 310 -4.16 -0.59 12.69
CA SER A 310 -3.42 0.03 11.61
C SER A 310 -4.09 1.33 11.19
N ASN A 311 -3.31 2.18 10.52
CA ASN A 311 -3.80 3.44 9.96
C ASN A 311 -4.19 3.21 8.51
N ILE A 312 -5.43 3.55 8.16
CA ILE A 312 -5.80 3.65 6.76
C ILE A 312 -5.22 4.95 6.24
N THR A 313 -4.26 4.86 5.31
CA THR A 313 -3.60 6.05 4.77
C THR A 313 -3.96 6.31 3.33
N GLY A 314 -4.63 5.38 2.65
CA GLY A 314 -4.96 5.55 1.24
C GLY A 314 -5.96 4.51 0.81
N ILE A 315 -6.49 4.72 -0.40
CA ILE A 315 -7.50 3.85 -0.97
C ILE A 315 -7.12 3.52 -2.41
N LEU A 316 -7.29 2.24 -2.77
CA LEU A 316 -7.07 1.77 -4.14
C LEU A 316 -8.43 1.61 -4.81
N LEU A 317 -8.62 2.27 -5.95
CA LEU A 317 -9.91 2.31 -6.62
C LEU A 317 -9.78 2.04 -8.11
N THR A 318 -10.79 1.38 -8.66
CA THR A 318 -10.98 1.23 -10.09
C THR A 318 -12.35 1.77 -10.47
N ARG A 319 -12.41 2.47 -11.60
CA ARG A 319 -13.62 3.12 -12.06
C ARG A 319 -14.28 2.27 -13.15
N ASP A 320 -15.60 2.13 -13.07
CA ASP A 320 -16.34 1.38 -14.07
C ASP A 320 -16.22 2.03 -15.43
N GLY A 321 -16.20 1.20 -16.47
CA GLY A 321 -16.27 1.70 -17.83
C GLY A 321 -17.71 1.90 -18.28
N GLY A 322 -17.86 2.34 -19.52
CA GLY A 322 -19.17 2.40 -20.16
C GLY A 322 -20.14 3.38 -19.55
N ALA A 323 -19.66 4.40 -18.85
CA ALA A 323 -20.53 5.39 -18.23
C ALA A 323 -20.40 6.76 -18.89
N ASN A 324 -19.96 6.80 -20.15
CA ASN A 324 -19.66 8.08 -20.79
C ASN A 324 -20.92 8.90 -21.06
N ASN A 325 -22.02 8.24 -21.38
CA ASN A 325 -23.29 8.92 -21.62
C ASN A 325 -24.17 8.98 -20.38
N THR A 326 -23.66 8.50 -19.24
CA THR A 326 -24.40 8.51 -17.98
C THR A 326 -24.05 9.77 -17.20
N SER A 327 -24.78 9.99 -16.10
CA SER A 327 -24.54 11.11 -15.20
C SER A 327 -23.71 10.73 -13.98
N ASN A 328 -23.28 9.47 -13.89
CA ASN A 328 -22.56 8.98 -12.72
C ASN A 328 -21.21 8.41 -13.12
N GLU A 329 -20.33 8.30 -12.11
CA GLU A 329 -19.12 7.51 -12.20
C GLU A 329 -19.08 6.59 -11.00
N THR A 330 -18.78 5.32 -11.23
CA THR A 330 -18.80 4.30 -10.18
C THR A 330 -17.39 3.83 -9.88
N PHE A 331 -17.04 3.81 -8.60
CA PHE A 331 -15.72 3.40 -8.16
C PHE A 331 -15.85 2.21 -7.22
N ARG A 332 -14.92 1.26 -7.35
CA ARG A 332 -14.90 0.07 -6.51
C ARG A 332 -13.50 -0.11 -5.94
N PRO A 333 -13.39 -0.56 -4.69
CA PRO A 333 -12.06 -0.86 -4.15
C PRO A 333 -11.38 -1.93 -4.99
N GLY A 334 -10.10 -1.71 -5.26
CA GLY A 334 -9.31 -2.60 -6.08
C GLY A 334 -7.99 -2.94 -5.41
N GLY A 335 -7.01 -3.25 -6.23
CA GLY A 335 -5.70 -3.65 -5.77
C GLY A 335 -5.31 -5.00 -6.35
N GLY A 336 -4.25 -5.56 -5.77
CA GLY A 336 -3.69 -6.83 -6.20
C GLY A 336 -2.33 -6.70 -6.86
N ASP A 337 -2.08 -5.58 -7.53
CA ASP A 337 -0.75 -5.26 -8.03
C ASP A 337 -0.03 -4.47 -6.94
N MET A 338 0.80 -5.15 -6.16
CA MET A 338 1.47 -4.53 -5.02
C MET A 338 2.43 -3.43 -5.44
N ARG A 339 2.73 -3.29 -6.73
CA ARG A 339 3.53 -2.15 -7.19
C ARG A 339 2.85 -0.83 -6.85
N ASP A 340 1.51 -0.80 -6.88
CA ASP A 340 0.80 0.41 -6.54
C ASP A 340 0.99 0.78 -5.07
N ASN A 341 1.12 -0.23 -4.19
CA ASN A 341 1.40 0.04 -2.78
C ASN A 341 2.73 0.76 -2.62
N TRP A 342 3.78 0.26 -3.29
CA TRP A 342 5.07 0.93 -3.22
C TRP A 342 5.02 2.29 -3.92
N ARG A 343 4.23 2.38 -4.99
CA ARG A 343 4.09 3.63 -5.71
C ARG A 343 3.54 4.74 -4.82
N SER A 344 2.58 4.40 -3.97
CA SER A 344 1.95 5.40 -3.11
C SER A 344 2.93 6.03 -2.12
N GLU A 345 4.09 5.42 -1.91
CA GLU A 345 5.13 5.98 -1.05
C GLU A 345 6.34 6.48 -1.81
N LEU A 346 6.65 5.90 -2.97
CA LEU A 346 7.80 6.29 -3.77
C LEU A 346 7.47 7.38 -4.77
N TYR A 347 6.23 7.87 -4.81
CA TYR A 347 5.79 8.78 -5.85
C TYR A 347 6.65 10.04 -5.92
N LYS A 348 7.18 10.50 -4.78
CA LYS A 348 7.89 11.78 -4.72
C LYS A 348 9.40 11.62 -4.92
N TYR A 349 9.88 10.44 -5.29
CA TYR A 349 11.31 10.19 -5.44
C TYR A 349 11.61 9.78 -6.89
N LYS A 350 12.85 10.07 -7.32
CA LYS A 350 13.35 9.53 -8.57
C LYS A 350 14.87 9.62 -8.57
N VAL A 351 15.50 8.68 -9.28
CA VAL A 351 16.95 8.54 -9.31
C VAL A 351 17.50 9.31 -10.51
N VAL A 352 18.56 10.06 -10.29
CA VAL A 352 19.25 10.77 -11.37
C VAL A 352 20.75 10.50 -11.26
N GLN A 353 21.42 10.58 -12.41
CA GLN A 353 22.86 10.38 -12.50
C GLN A 353 23.55 11.74 -12.59
N ILE A 354 24.56 11.94 -11.76
CA ILE A 354 25.28 13.21 -11.74
C ILE A 354 26.38 13.19 -12.80
#